data_6DNQ
#
_entry.id   6DNQ
#
_cell.length_a   118.825
_cell.length_b   51.166
_cell.length_c   72.047
_cell.angle_alpha   90.00
_cell.angle_beta   126.41
_cell.angle_gamma   90.00
#
_symmetry.space_group_name_H-M   'C 1 2 1'
#
loop_
_entity.id
_entity.type
_entity.pdbx_description
1 polymer 'BZIP factor'
2 polymer 'Transcriptional activator Myb'
3 polymer 'CREB-binding protein'
4 non-polymer 1,2-ETHANEDIOL
5 water water
#
loop_
_entity_poly.entity_id
_entity_poly.type
_entity_poly.pdbx_seq_one_letter_code
_entity_poly.pdbx_strand_id
1 'polypeptide(L)' GSHMASGLFRALPVSAPEDLLVEELVDGLLSLEEELKDKEEEKAVLDGLLSLEEESRGRLRRGPPGEKAPPRGETHRDR E
2 'polypeptide(L)' YNDEDPEKEKRIKELELLLMSTENELKGQQAL C,A
3 'polypeptide(L)'
;MGVRKGWHEHVTQDLRSHLVHKLVQAIFPTPDPAALKDRRMENLVAYAKKVEGDMYESANSRDEYYHLLAEKIYKIQKEL
EEKRRSRL
;
D,B
#
# COMPACT_ATOMS: atom_id res chain seq x y z
N ALA A 5 -1.81 4.07 52.04
CA ALA A 5 -0.73 3.55 51.22
C ALA A 5 -0.15 4.66 50.36
N SER A 6 1.14 4.60 50.06
CA SER A 6 1.71 5.61 49.17
C SER A 6 1.33 5.40 47.70
N GLY A 7 0.39 4.50 47.41
CA GLY A 7 -0.16 4.31 46.10
C GLY A 7 -1.16 5.37 45.67
N LEU A 8 -1.24 6.46 46.43
CA LEU A 8 -2.14 7.57 46.10
C LEU A 8 -1.58 8.41 44.97
N PHE A 9 -0.26 8.37 44.76
CA PHE A 9 0.41 9.11 43.71
C PHE A 9 0.90 8.20 42.59
N ARG A 10 0.36 6.99 42.50
CA ARG A 10 0.77 6.04 41.47
C ARG A 10 0.50 6.61 40.09
N ALA A 11 1.56 6.78 39.30
CA ALA A 11 1.45 7.43 38.00
C ALA A 11 0.59 6.61 37.04
N LEU A 12 -0.03 7.30 36.10
CA LEU A 12 -0.95 6.65 35.19
C LEU A 12 -0.19 5.80 34.17
N PRO A 13 -0.72 4.59 33.80
CA PRO A 13 -0.09 3.75 32.77
C PRO A 13 -0.50 4.18 31.37
N VAL A 14 0.00 5.36 30.96
CA VAL A 14 -0.42 5.96 29.70
C VAL A 14 0.49 5.56 28.54
N SER A 15 1.55 4.79 28.79
CA SER A 15 2.55 4.54 27.75
C SER A 15 2.14 3.40 26.83
N ALA A 16 1.58 2.32 27.37
CA ALA A 16 1.15 1.22 26.51
C ALA A 16 0.12 1.65 25.48
N PRO A 17 -0.99 2.29 25.85
CA PRO A 17 -1.97 2.68 24.82
C PRO A 17 -1.38 3.55 23.71
N GLU A 18 -0.44 4.43 24.05
CA GLU A 18 0.14 5.32 23.05
C GLU A 18 1.05 4.55 22.10
N ASP A 19 1.85 3.61 22.63
CA ASP A 19 2.65 2.75 21.77
C ASP A 19 1.78 1.93 20.84
N LEU A 20 0.69 1.37 21.35
CA LEU A 20 -0.20 0.57 20.50
C LEU A 20 -0.71 1.40 19.32
N LEU A 21 -1.09 2.65 19.57
CA LEU A 21 -1.55 3.52 18.48
C LEU A 21 -0.48 3.69 17.41
N VAL A 22 0.76 3.98 17.83
CA VAL A 22 1.83 4.17 16.86
C VAL A 22 2.08 2.89 16.09
N GLU A 23 2.13 1.76 16.80
CA GLU A 23 2.34 0.46 16.15
C GLU A 23 1.31 0.23 15.05
N GLU A 24 0.02 0.40 15.36
CA GLU A 24 -1.00 0.16 14.35
C GLU A 24 -0.89 1.18 13.22
N LEU A 25 -0.52 2.42 13.54
CA LEU A 25 -0.30 3.42 12.50
C LEU A 25 0.80 2.96 11.53
N VAL A 26 1.96 2.58 12.08
CA VAL A 26 3.09 2.21 11.24
C VAL A 26 2.78 0.94 10.45
N ASP A 27 2.13 -0.04 11.09
CA ASP A 27 1.77 -1.25 10.38
C ASP A 27 0.84 -0.95 9.20
N GLY A 28 -0.13 -0.05 9.41
CA GLY A 28 -1.04 0.30 8.34
C GLY A 28 -0.34 0.99 7.18
N LEU A 29 0.59 1.89 7.49
CA LEU A 29 1.28 2.62 6.43
C LEU A 29 2.20 1.70 5.64
N LEU A 30 2.90 0.79 6.31
CA LEU A 30 3.68 -0.20 5.58
C LEU A 30 2.79 -1.13 4.77
N SER A 31 1.68 -1.57 5.37
CA SER A 31 0.69 -2.32 4.60
C SER A 31 0.24 -1.54 3.37
N LEU A 32 -0.21 -0.29 3.59
CA LEU A 32 -0.64 0.54 2.48
C LEU A 32 0.44 0.63 1.42
N GLU A 33 1.66 0.94 1.85
CA GLU A 33 2.78 1.13 0.93
C GLU A 33 2.99 -0.08 0.03
N GLU A 34 2.97 -1.29 0.61
CA GLU A 34 3.13 -2.49 -0.21
C GLU A 34 1.96 -2.67 -1.15
N GLU A 35 0.73 -2.44 -0.66
CA GLU A 35 -0.43 -2.60 -1.52
C GLU A 35 -0.41 -1.59 -2.66
N LEU A 36 0.02 -0.35 -2.38
CA LEU A 36 0.09 0.65 -3.43
C LEU A 36 1.10 0.26 -4.50
N LYS A 37 2.26 -0.28 -4.10
CA LYS A 37 3.25 -0.70 -5.09
C LYS A 37 2.69 -1.79 -5.99
N ASP A 38 1.93 -2.73 -5.41
CA ASP A 38 1.40 -3.84 -6.20
C ASP A 38 0.29 -3.38 -7.13
N LYS A 39 -0.61 -2.52 -6.64
CA LYS A 39 -1.69 -2.02 -7.49
C LYS A 39 -1.16 -1.11 -8.60
N GLU A 40 0.03 -0.52 -8.43
CA GLU A 40 0.64 0.25 -9.51
C GLU A 40 1.30 -0.65 -10.55
N GLU A 41 1.91 -1.75 -10.11
CA GLU A 41 2.41 -2.74 -11.06
C GLU A 41 1.28 -3.28 -11.93
N GLU A 42 0.16 -3.63 -11.29
CA GLU A 42 -0.98 -4.15 -12.03
C GLU A 42 -1.48 -3.13 -13.05
N LYS A 43 -1.63 -1.87 -12.63
CA LYS A 43 -2.09 -0.84 -13.56
C LYS A 43 -1.16 -0.76 -14.77
N ALA A 44 0.15 -0.76 -14.54
CA ALA A 44 1.10 -0.65 -15.63
C ALA A 44 0.99 -1.83 -16.58
N VAL A 45 0.83 -3.03 -16.03
CA VAL A 45 0.69 -4.23 -16.87
C VAL A 45 -0.58 -4.14 -17.70
N LEU A 46 -1.70 -3.79 -17.06
CA LEU A 46 -2.98 -3.72 -17.77
C LEU A 46 -3.00 -2.56 -18.77
N ASP A 47 -2.47 -1.40 -18.36
CA ASP A 47 -2.33 -0.30 -19.32
C ASP A 47 -1.52 -0.72 -20.52
N GLY A 48 -0.48 -1.53 -20.29
CA GLY A 48 0.33 -2.02 -21.39
C GLY A 48 -0.42 -2.99 -22.29
N LEU A 49 -1.35 -3.76 -21.73
CA LEU A 49 -2.13 -4.68 -22.55
C LEU A 49 -3.17 -3.93 -23.36
N LEU A 50 -3.82 -2.92 -22.76
CA LEU A 50 -4.81 -2.14 -23.50
C LEU A 50 -4.16 -1.46 -24.69
N SER A 51 -2.98 -0.86 -24.50
CA SER A 51 -2.27 -0.26 -25.63
C SER A 51 -1.80 -1.31 -26.62
N LEU A 52 -1.73 -2.59 -26.21
CA LEU A 52 -1.42 -3.64 -27.16
C LEU A 52 -2.62 -3.99 -28.03
N GLU A 53 -3.83 -3.94 -27.46
CA GLU A 53 -5.04 -4.16 -28.25
C GLU A 53 -5.24 -3.04 -29.25
N GLU A 54 -5.14 -1.79 -28.79
CA GLU A 54 -5.40 -0.64 -29.64
C GLU A 54 -4.58 -0.69 -30.92
N GLU A 55 -3.33 -1.16 -30.82
CA GLU A 55 -2.50 -1.30 -32.02
C GLU A 55 -3.08 -2.30 -33.00
N SER A 56 -3.67 -3.38 -32.52
CA SER A 56 -4.20 -4.43 -33.39
C SER A 56 -5.66 -4.17 -33.79
N ARG A 57 -5.97 -2.92 -34.12
CA ARG A 57 -7.32 -2.55 -34.54
C ARG A 57 -7.45 -2.50 -36.05
N GLY A 58 -6.68 -3.33 -36.77
CA GLY A 58 -6.73 -3.37 -38.22
C GLY A 58 -6.01 -4.55 -38.81
N GLU B 4 24.72 6.59 16.32
CA GLU B 4 23.38 6.74 16.89
C GLU B 4 22.59 7.83 16.11
N ASP B 5 22.37 7.62 14.81
CA ASP B 5 21.63 8.59 13.98
C ASP B 5 22.14 10.02 14.15
N PRO B 6 23.39 10.24 13.76
CA PRO B 6 24.01 11.57 13.87
C PRO B 6 23.21 12.65 13.19
N GLU B 7 22.35 12.30 12.24
CA GLU B 7 21.56 13.28 11.51
C GLU B 7 20.30 13.63 12.26
N LYS B 8 20.18 13.19 13.51
CA LYS B 8 18.97 13.46 14.29
C LYS B 8 18.75 14.96 14.39
N GLU B 9 19.73 15.69 14.93
CA GLU B 9 19.61 17.13 15.03
C GLU B 9 19.29 17.76 13.68
N LYS B 10 20.01 17.35 12.63
CA LYS B 10 19.75 17.90 11.30
C LYS B 10 18.29 17.68 10.90
N ARG B 11 17.81 16.44 11.01
CA ARG B 11 16.46 16.15 10.55
C ARG B 11 15.43 16.93 11.36
N ILE B 12 15.63 17.08 12.67
CA ILE B 12 14.65 17.82 13.46
C ILE B 12 14.58 19.26 12.99
N LYS B 13 15.75 19.88 12.75
CA LYS B 13 15.77 21.27 12.30
C LYS B 13 15.17 21.41 10.91
N GLU B 14 15.40 20.45 10.03
CA GLU B 14 14.78 20.53 8.70
C GLU B 14 13.26 20.47 8.82
N LEU B 15 12.75 19.64 9.73
CA LEU B 15 11.32 19.57 9.94
C LEU B 15 10.79 20.85 10.59
N GLU B 16 11.54 21.43 11.54
CA GLU B 16 11.11 22.70 12.10
C GLU B 16 10.99 23.77 11.02
N LEU B 17 11.98 23.86 10.13
CA LEU B 17 11.88 24.82 9.04
C LEU B 17 10.69 24.49 8.15
N LEU B 18 10.49 23.20 7.86
CA LEU B 18 9.33 22.82 7.06
C LEU B 18 8.05 23.40 7.64
N LEU B 19 7.87 23.22 8.95
CA LEU B 19 6.64 23.67 9.59
C LEU B 19 6.56 25.19 9.66
N MET B 20 7.67 25.84 10.04
CA MET B 20 7.65 27.30 10.18
C MET B 20 7.38 28.00 8.85
N SER B 21 7.79 27.39 7.75
CA SER B 21 7.59 28.03 6.45
C SER B 21 6.12 28.06 6.06
N THR B 22 5.23 27.48 6.88
CA THR B 22 3.81 27.52 6.57
C THR B 22 3.22 28.90 6.82
N GLU B 23 3.81 29.67 7.74
CA GLU B 23 3.27 30.99 8.07
C GLU B 23 3.30 31.91 6.86
N ASN B 24 4.40 31.91 6.10
CA ASN B 24 4.52 32.82 4.97
C ASN B 24 3.70 32.35 3.77
N GLU B 25 3.68 31.05 3.52
CA GLU B 25 2.98 30.54 2.35
C GLU B 25 1.46 30.66 2.50
N LEU B 26 0.95 30.94 3.70
CA LEU B 26 -0.46 31.25 3.87
C LEU B 26 -0.78 32.68 3.45
N LYS B 27 0.22 33.52 3.22
CA LYS B 27 0.01 34.74 2.46
C LYS B 27 -0.47 34.38 1.05
N GLY B 28 0.30 33.55 0.36
CA GLY B 28 -0.17 32.90 -0.85
C GLY B 28 -0.48 33.88 -1.95
N GLN B 29 -1.64 33.67 -2.58
CA GLN B 29 -2.05 34.49 -3.73
C GLN B 29 -2.31 35.93 -3.32
N GLY C 2 10.17 27.95 26.20
CA GLY C 2 9.74 28.75 27.33
C GLY C 2 8.23 28.91 27.40
N VAL C 3 7.77 29.88 28.20
CA VAL C 3 6.35 30.14 28.39
C VAL C 3 6.06 31.53 27.83
N ARG C 4 5.22 31.59 26.81
CA ARG C 4 4.76 32.85 26.22
C ARG C 4 3.25 32.88 26.38
N LYS C 5 2.78 33.61 27.39
CA LYS C 5 1.37 33.65 27.69
C LYS C 5 0.56 34.07 26.46
N GLY C 6 -0.55 33.39 26.24
CA GLY C 6 -1.47 33.72 25.16
C GLY C 6 -0.92 33.54 23.76
N TRP C 7 0.03 32.63 23.56
CA TRP C 7 0.54 32.37 22.22
C TRP C 7 -0.53 31.73 21.33
N HIS C 8 -1.56 31.12 21.94
CA HIS C 8 -2.66 30.55 21.15
C HIS C 8 -3.40 31.63 20.36
N GLU C 9 -3.51 32.84 20.90
CA GLU C 9 -4.27 33.89 20.22
C GLU C 9 -3.67 34.28 18.87
N HIS C 10 -2.46 33.83 18.57
CA HIS C 10 -1.79 34.14 17.31
C HIS C 10 -1.63 32.91 16.43
N VAL C 11 -2.37 31.85 16.72
CA VAL C 11 -2.35 30.62 15.92
C VAL C 11 -3.73 30.48 15.30
N THR C 12 -3.82 30.72 13.99
CA THR C 12 -5.08 30.62 13.31
C THR C 12 -5.44 29.16 13.07
N GLN C 13 -6.72 28.91 12.83
CA GLN C 13 -7.14 27.55 12.49
C GLN C 13 -6.55 27.12 11.14
N ASP C 14 -6.44 28.04 10.20
CA ASP C 14 -5.89 27.68 8.90
C ASP C 14 -4.43 27.26 9.03
N LEU C 15 -3.69 27.85 9.97
CA LEU C 15 -2.30 27.44 10.18
C LEU C 15 -2.26 26.02 10.76
N ARG C 16 -3.03 25.77 11.82
CA ARG C 16 -3.04 24.43 12.41
C ARG C 16 -3.44 23.40 11.38
N SER C 17 -4.42 23.71 10.54
CA SER C 17 -4.88 22.74 9.55
C SER C 17 -3.81 22.50 8.50
N HIS C 18 -3.11 23.54 8.07
CA HIS C 18 -2.00 23.36 7.15
C HIS C 18 -0.83 22.64 7.80
N LEU C 19 -0.62 22.83 9.10
CA LEU C 19 0.42 22.08 9.76
C LEU C 19 0.09 20.59 9.79
N VAL C 20 -1.18 20.24 10.03
CA VAL C 20 -1.57 18.84 9.99
C VAL C 20 -1.27 18.25 8.62
N HIS C 21 -1.54 19.01 7.56
CA HIS C 21 -1.26 18.52 6.22
C HIS C 21 0.24 18.26 6.05
N LYS C 22 1.07 19.10 6.65
CA LYS C 22 2.52 18.91 6.60
C LYS C 22 2.93 17.62 7.32
N LEU C 23 2.38 17.38 8.52
CA LEU C 23 2.69 16.14 9.23
C LEU C 23 2.38 14.91 8.38
N VAL C 24 1.20 14.89 7.75
CA VAL C 24 0.81 13.73 6.95
C VAL C 24 1.80 13.54 5.79
N GLN C 25 2.06 14.60 5.02
CA GLN C 25 2.94 14.46 3.87
C GLN C 25 4.36 14.11 4.29
N ALA C 26 4.82 14.60 5.44
CA ALA C 26 6.17 14.30 5.88
C ALA C 26 6.31 12.85 6.34
N ILE C 27 5.24 12.26 6.87
CA ILE C 27 5.28 10.88 7.32
C ILE C 27 5.03 9.90 6.18
N PHE C 28 4.08 10.22 5.29
CA PHE C 28 3.70 9.33 4.19
C PHE C 28 3.43 10.16 2.95
N PRO C 29 4.47 10.68 2.31
CA PRO C 29 4.29 11.34 1.02
C PRO C 29 3.86 10.33 -0.03
N THR C 30 2.81 10.66 -0.78
CA THR C 30 2.46 9.73 -1.84
C THR C 30 1.65 10.41 -2.94
N PRO C 31 2.03 10.20 -4.21
CA PRO C 31 1.22 10.73 -5.32
C PRO C 31 -0.07 9.94 -5.58
N ASP C 32 -0.05 8.63 -5.38
CA ASP C 32 -1.20 7.78 -5.71
C ASP C 32 -2.48 8.38 -5.11
N PRO C 33 -3.43 8.80 -5.94
CA PRO C 33 -4.74 9.23 -5.38
C PRO C 33 -5.49 8.11 -4.67
N ALA C 34 -5.23 6.83 -4.98
CA ALA C 34 -5.94 5.75 -4.29
C ALA C 34 -5.51 5.57 -2.87
N ALA C 35 -4.76 6.53 -2.32
CA ALA C 35 -4.28 6.49 -0.96
C ALA C 35 -5.10 7.40 -0.06
N LEU C 36 -5.49 8.56 -0.60
CA LEU C 36 -6.26 9.53 0.18
C LEU C 36 -7.58 8.94 0.65
N LYS C 37 -8.15 8.02 -0.14
CA LYS C 37 -9.41 7.37 0.22
C LYS C 37 -9.22 6.18 1.16
N ASP C 38 -8.02 5.61 1.21
CA ASP C 38 -7.78 4.40 1.98
C ASP C 38 -7.89 4.64 3.47
N ARG C 39 -8.33 3.61 4.19
CA ARG C 39 -8.49 3.70 5.63
C ARG C 39 -7.15 3.77 6.36
N ARG C 40 -6.09 3.17 5.80
CA ARG C 40 -4.78 3.29 6.43
CA ARG C 40 -4.77 3.29 6.41
C ARG C 40 -4.25 4.71 6.34
N MET C 41 -4.68 5.48 5.33
CA MET C 41 -4.30 6.89 5.23
C MET C 41 -5.17 7.76 6.11
N GLU C 42 -6.46 7.44 6.22
CA GLU C 42 -7.33 8.20 7.09
C GLU C 42 -6.93 8.04 8.55
N ASN C 43 -6.34 6.90 8.91
CA ASN C 43 -5.81 6.75 10.25
C ASN C 43 -4.57 7.61 10.45
N LEU C 44 -3.83 7.92 9.39
CA LEU C 44 -2.70 8.82 9.50
C LEU C 44 -3.17 10.26 9.72
N VAL C 45 -4.15 10.73 8.93
CA VAL C 45 -4.63 12.09 9.14
C VAL C 45 -5.22 12.23 10.54
N ALA C 46 -5.90 11.19 11.01
CA ALA C 46 -6.47 11.24 12.35
C ALA C 46 -5.39 11.25 13.42
N TYR C 47 -4.30 10.51 13.18
CA TYR C 47 -3.21 10.53 14.14
C TYR C 47 -2.48 11.86 14.10
N ALA C 48 -2.36 12.45 12.91
CA ALA C 48 -1.70 13.76 12.81
C ALA C 48 -2.48 14.81 13.57
N LYS C 49 -3.82 14.77 13.51
CA LYS C 49 -4.63 15.72 14.24
C LYS C 49 -4.55 15.49 15.75
N LYS C 50 -4.38 14.25 16.19
CA LYS C 50 -4.18 14.00 17.62
C LYS C 50 -2.87 14.60 18.09
N VAL C 51 -1.79 14.37 17.35
CA VAL C 51 -0.48 14.89 17.75
C VAL C 51 -0.50 16.41 17.76
N GLU C 52 -1.03 17.02 16.69
CA GLU C 52 -1.10 18.48 16.65
C GLU C 52 -1.90 19.02 17.82
N GLY C 53 -3.03 18.38 18.11
CA GLY C 53 -3.82 18.78 19.27
C GLY C 53 -3.04 18.65 20.56
N ASP C 54 -2.31 17.54 20.72
CA ASP C 54 -1.57 17.32 21.96
C ASP C 54 -0.46 18.34 22.11
N MET C 55 0.29 18.62 21.04
CA MET C 55 1.40 19.56 21.13
C MET C 55 0.90 21.00 21.26
N TYR C 56 -0.29 21.29 20.74
CA TYR C 56 -0.88 22.61 20.88
C TYR C 56 -1.18 22.92 22.34
N GLU C 57 -1.52 21.90 23.14
CA GLU C 57 -1.81 22.11 24.54
C GLU C 57 -0.61 21.87 25.44
N SER C 58 0.30 20.95 25.08
CA SER C 58 1.47 20.72 25.92
C SER C 58 2.48 21.86 25.78
N ALA C 59 2.75 22.30 24.56
CA ALA C 59 3.67 23.40 24.37
C ALA C 59 3.16 24.63 25.09
N ASN C 60 4.09 25.52 25.43
CA ASN C 60 3.79 26.73 26.16
C ASN C 60 4.21 27.99 25.41
N SER C 61 4.76 27.83 24.21
CA SER C 61 5.08 28.94 23.33
C SER C 61 4.98 28.43 21.90
N ARG C 62 5.05 29.33 20.93
CA ARG C 62 5.00 28.87 19.54
C ARG C 62 6.28 28.15 19.16
N ASP C 63 7.42 28.52 19.74
CA ASP C 63 8.66 27.82 19.42
C ASP C 63 8.67 26.41 19.98
N GLU C 64 8.09 26.18 21.16
CA GLU C 64 7.95 24.81 21.65
C GLU C 64 7.02 24.01 20.75
N TYR C 65 5.92 24.63 20.31
CA TYR C 65 4.98 24.01 19.39
C TYR C 65 5.68 23.39 18.19
N TYR C 66 6.42 24.20 17.43
CA TYR C 66 7.10 23.69 16.24
C TYR C 66 8.15 22.64 16.61
N HIS C 67 8.82 22.82 17.74
CA HIS C 67 9.86 21.88 18.14
C HIS C 67 9.29 20.51 18.43
N LEU C 68 8.25 20.45 19.28
CA LEU C 68 7.66 19.16 19.62
C LEU C 68 7.04 18.48 18.40
N LEU C 69 6.33 19.24 17.57
CA LEU C 69 5.77 18.66 16.35
C LEU C 69 6.86 18.06 15.49
N ALA C 70 8.00 18.74 15.36
CA ALA C 70 9.08 18.23 14.55
C ALA C 70 9.66 16.95 15.13
N GLU C 71 9.76 16.87 16.46
CA GLU C 71 10.31 15.66 17.09
C GLU C 71 9.35 14.48 17.00
N LYS C 72 8.04 14.73 17.06
CA LYS C 72 7.09 13.63 16.87
C LYS C 72 7.11 13.12 15.44
N ILE C 73 7.25 14.01 14.45
CA ILE C 73 7.37 13.55 13.07
C ILE C 73 8.63 12.71 12.93
N TYR C 74 9.75 13.18 13.47
CA TYR C 74 10.99 12.45 13.38
C TYR C 74 10.86 11.05 13.98
N LYS C 75 10.29 10.94 15.18
CA LYS C 75 10.21 9.64 15.82
C LYS C 75 9.38 8.67 14.98
N ILE C 76 8.33 9.16 14.33
CA ILE C 76 7.48 8.29 13.51
C ILE C 76 8.17 7.93 12.21
N GLN C 77 8.84 8.90 11.57
CA GLN C 77 9.60 8.57 10.37
C GLN C 77 10.65 7.52 10.68
N LYS C 78 11.36 7.69 11.80
CA LYS C 78 12.38 6.73 12.19
C LYS C 78 11.78 5.34 12.42
N GLU C 79 10.61 5.27 13.04
CA GLU C 79 9.96 3.98 13.24
C GLU C 79 9.57 3.35 11.91
N LEU C 80 8.99 4.13 11.00
CA LEU C 80 8.66 3.60 9.69
C LEU C 80 9.90 3.07 9.00
N GLU C 81 11.02 3.79 9.10
CA GLU C 81 12.22 3.39 8.38
C GLU C 81 12.86 2.16 8.99
N GLU C 82 12.73 1.96 10.31
CA GLU C 82 13.30 0.76 10.92
C GLU C 82 12.45 -0.47 10.66
N LYS C 83 11.12 -0.36 10.74
CA LYS C 83 10.28 -1.52 10.40
C LYS C 83 10.31 -1.80 8.91
N ARG C 84 10.42 -0.77 8.08
CA ARG C 84 10.52 -0.97 6.64
C ARG C 84 11.76 -1.79 6.29
N ARG C 85 12.85 -1.61 7.03
CA ARG C 85 14.09 -2.34 6.75
C ARG C 85 14.10 -3.74 7.37
N SER C 86 13.32 -3.96 8.43
CA SER C 86 13.24 -5.26 9.09
C SER C 86 12.03 -6.07 8.65
N ARG C 87 11.40 -5.70 7.54
CA ARG C 87 10.14 -6.31 7.13
C ARG C 87 10.42 -7.58 6.32
N LEU C 88 9.71 -8.64 6.65
CA LEU C 88 9.86 -9.93 5.97
C LEU C 88 9.06 -9.95 4.68
N GLU D 4 -22.22 -9.51 -6.39
CA GLU D 4 -22.58 -8.39 -7.25
C GLU D 4 -22.61 -8.86 -8.71
N ASP D 5 -21.45 -9.19 -9.27
CA ASP D 5 -21.42 -9.77 -10.60
C ASP D 5 -22.21 -11.07 -10.56
N PRO D 6 -23.29 -11.23 -11.33
CA PRO D 6 -24.08 -12.45 -11.19
C PRO D 6 -23.38 -13.70 -11.69
N GLU D 7 -22.46 -13.57 -12.65
CA GLU D 7 -21.74 -14.71 -13.19
C GLU D 7 -20.34 -14.89 -12.59
N LYS D 8 -20.00 -14.19 -11.50
CA LYS D 8 -18.67 -14.35 -10.94
C LYS D 8 -18.43 -15.80 -10.54
N GLU D 9 -19.41 -16.41 -9.87
CA GLU D 9 -19.28 -17.81 -9.48
C GLU D 9 -19.12 -18.71 -10.70
N LYS D 10 -19.82 -18.40 -11.78
CA LYS D 10 -19.71 -19.23 -12.99
C LYS D 10 -18.32 -19.07 -13.61
N ARG D 11 -17.84 -17.83 -13.76
CA ARG D 11 -16.54 -17.64 -14.39
C ARG D 11 -15.41 -18.21 -13.54
N ILE D 12 -15.51 -18.11 -12.21
CA ILE D 12 -14.46 -18.67 -11.36
C ILE D 12 -14.41 -20.18 -11.51
N LYS D 13 -15.56 -20.85 -11.56
CA LYS D 13 -15.54 -22.30 -11.73
C LYS D 13 -14.99 -22.68 -13.10
N GLU D 14 -15.31 -21.89 -14.13
CA GLU D 14 -14.74 -22.17 -15.45
C GLU D 14 -13.23 -22.05 -15.41
N LEU D 15 -12.71 -21.08 -14.66
CA LEU D 15 -11.27 -20.92 -14.54
C LEU D 15 -10.65 -22.07 -13.75
N GLU D 16 -11.34 -22.56 -12.70
CA GLU D 16 -10.81 -23.70 -11.96
C GLU D 16 -10.61 -24.90 -12.85
N LEU D 17 -11.60 -25.22 -13.69
CA LEU D 17 -11.46 -26.35 -14.62
C LEU D 17 -10.33 -26.10 -15.60
N LEU D 18 -10.23 -24.89 -16.14
CA LEU D 18 -9.15 -24.57 -17.07
C LEU D 18 -7.79 -24.95 -16.47
N LEU D 19 -7.56 -24.57 -15.22
CA LEU D 19 -6.27 -24.86 -14.60
C LEU D 19 -6.12 -26.34 -14.32
N MET D 20 -7.18 -27.00 -13.81
CA MET D 20 -7.06 -28.41 -13.49
C MET D 20 -6.77 -29.26 -14.72
N SER D 21 -7.21 -28.82 -15.90
CA SER D 21 -6.99 -29.63 -17.10
C SER D 21 -5.53 -29.62 -17.54
N THR D 22 -4.67 -28.85 -16.89
CA THR D 22 -3.25 -28.87 -17.25
C THR D 22 -2.58 -30.15 -16.79
N GLU D 23 -3.09 -30.77 -15.73
CA GLU D 23 -2.49 -31.98 -15.21
C GLU D 23 -2.54 -33.09 -16.26
N GLU D 25 -3.30 -32.80 -19.68
CA GLU D 25 -2.81 -32.53 -21.03
C GLU D 25 -1.30 -32.68 -21.16
N LEU D 26 -0.55 -32.68 -20.05
CA LEU D 26 0.88 -32.95 -20.15
C LEU D 26 1.16 -34.44 -20.27
N LYS D 27 0.31 -35.27 -19.68
CA LYS D 27 0.45 -36.73 -19.75
C LYS D 27 -0.93 -37.36 -19.59
N GLY D 28 -1.80 -37.09 -20.55
CA GLY D 28 -3.14 -37.66 -20.57
C GLY D 28 -3.44 -38.39 -21.87
N GLY E 2 -8.34 -26.84 1.93
CA GLY E 2 -7.84 -27.51 3.11
C GLY E 2 -6.33 -27.59 3.17
N VAL E 3 -5.81 -28.46 4.05
CA VAL E 3 -4.37 -28.60 4.27
C VAL E 3 -3.96 -30.01 3.88
N ARG E 4 -3.07 -30.12 2.89
CA ARG E 4 -2.50 -31.39 2.44
C ARG E 4 -0.99 -31.30 2.61
N LYS E 5 -0.46 -31.94 3.64
CA LYS E 5 0.97 -31.86 3.93
C LYS E 5 1.78 -32.25 2.70
N GLY E 6 2.81 -31.47 2.42
CA GLY E 6 3.73 -31.78 1.33
C GLY E 6 3.11 -31.79 -0.04
N TRP E 7 2.04 -31.02 -0.25
CA TRP E 7 1.44 -31.00 -1.59
C TRP E 7 2.39 -30.40 -2.62
N HIS E 8 3.36 -29.59 -2.18
CA HIS E 8 4.36 -29.08 -3.13
C HIS E 8 5.16 -30.22 -3.74
N GLU E 9 5.39 -31.30 -2.99
CA GLU E 9 6.16 -32.42 -3.51
C GLU E 9 5.50 -33.09 -4.69
N HIS E 10 4.23 -32.79 -4.96
CA HIS E 10 3.52 -33.37 -6.08
C HIS E 10 3.13 -32.33 -7.13
N VAL E 11 3.70 -31.13 -7.04
CA VAL E 11 3.51 -30.07 -8.04
C VAL E 11 4.89 -29.83 -8.64
N THR E 12 5.11 -30.32 -9.85
CA THR E 12 6.40 -30.18 -10.50
C THR E 12 6.58 -28.78 -11.07
N GLN E 13 7.84 -28.44 -11.36
CA GLN E 13 8.14 -27.15 -11.93
C GLN E 13 7.52 -27.02 -13.32
N ASP E 14 7.42 -28.13 -14.07
CA ASP E 14 6.81 -28.10 -15.39
C ASP E 14 5.33 -27.74 -15.32
N LEU E 15 4.64 -28.21 -14.28
CA LEU E 15 3.22 -27.87 -14.15
C LEU E 15 3.04 -26.40 -13.81
N ARG E 16 3.81 -25.90 -12.84
CA ARG E 16 3.70 -24.49 -12.49
C ARG E 16 3.95 -23.62 -13.71
N SER E 17 4.95 -23.97 -14.52
CA SER E 17 5.27 -23.15 -15.69
C SER E 17 4.17 -23.20 -16.73
N HIS E 18 3.54 -24.36 -16.93
CA HIS E 18 2.40 -24.42 -17.82
C HIS E 18 1.22 -23.68 -17.23
N LEU E 19 1.08 -23.68 -15.90
CA LEU E 19 0.03 -22.88 -15.27
C LEU E 19 0.29 -21.40 -15.46
N VAL E 20 1.55 -20.97 -15.35
CA VAL E 20 1.86 -19.57 -15.63
C VAL E 20 1.40 -19.22 -17.03
N HIS E 21 1.62 -20.13 -17.98
CA HIS E 21 1.22 -19.88 -19.36
C HIS E 21 -0.30 -19.76 -19.46
N LYS E 22 -1.04 -20.55 -18.67
CA LYS E 22 -2.49 -20.44 -18.67
C LYS E 22 -2.95 -19.08 -18.14
N LEU E 23 -2.35 -18.61 -17.05
CA LEU E 23 -2.71 -17.28 -16.55
C LEU E 23 -2.55 -16.23 -17.64
N VAL E 24 -1.43 -16.27 -18.37
CA VAL E 24 -1.20 -15.32 -19.45
C VAL E 24 -2.28 -15.45 -20.51
N GLN E 25 -2.47 -16.68 -21.01
CA GLN E 25 -3.48 -16.90 -22.05
C GLN E 25 -4.87 -16.45 -21.61
N ALA E 26 -5.20 -16.61 -20.33
CA ALA E 26 -6.55 -16.27 -19.87
C ALA E 26 -6.73 -14.77 -19.71
N ILE E 27 -5.65 -14.04 -19.43
CA ILE E 27 -5.74 -12.60 -19.25
C ILE E 27 -5.69 -11.89 -20.59
N PHE E 28 -4.85 -12.38 -21.51
CA PHE E 28 -4.64 -11.74 -22.80
C PHE E 28 -4.53 -12.81 -23.87
N PRO E 29 -5.67 -13.38 -24.28
CA PRO E 29 -5.66 -14.36 -25.38
C PRO E 29 -5.20 -13.73 -26.68
N THR E 30 -4.22 -14.36 -27.32
CA THR E 30 -3.74 -13.87 -28.60
C THR E 30 -2.92 -14.94 -29.32
N PRO E 31 -3.13 -15.18 -30.65
CA PRO E 31 -2.34 -16.15 -31.42
C PRO E 31 -0.94 -15.68 -31.82
N ASP E 32 -0.16 -15.21 -30.84
CA ASP E 32 1.15 -14.61 -31.07
C ASP E 32 1.19 -13.81 -32.37
N PRO E 33 0.31 -12.83 -32.55
CA PRO E 33 0.48 -11.89 -33.66
C PRO E 33 1.62 -10.93 -33.40
N ALA E 34 2.85 -11.44 -33.33
CA ALA E 34 4.01 -10.61 -33.02
C ALA E 34 3.91 -10.04 -31.61
N ALA E 35 3.23 -10.76 -30.71
CA ALA E 35 2.91 -10.26 -29.38
C ALA E 35 3.84 -10.75 -28.26
N LEU E 36 4.22 -12.03 -28.23
CA LEU E 36 5.07 -12.50 -27.14
C LEU E 36 6.39 -11.74 -27.05
N LYS E 37 6.86 -11.17 -28.17
CA LYS E 37 8.13 -10.45 -28.14
C LYS E 37 8.00 -9.03 -27.59
N ASP E 38 6.80 -8.45 -27.57
CA ASP E 38 6.63 -7.07 -27.11
C ASP E 38 6.92 -6.94 -25.63
N ARG E 39 7.39 -5.75 -25.23
CA ARG E 39 7.67 -5.48 -23.82
CA ARG E 39 7.67 -5.48 -23.82
C ARG E 39 6.42 -5.63 -22.98
N ARG E 40 5.27 -5.16 -23.49
CA ARG E 40 4.05 -5.13 -22.71
C ARG E 40 3.53 -6.54 -22.44
N MET E 41 3.85 -7.47 -23.33
CA MET E 41 3.49 -8.86 -23.10
C MET E 41 4.48 -9.53 -22.15
N GLU E 42 5.76 -9.16 -22.24
CA GLU E 42 6.74 -9.71 -21.30
C GLU E 42 6.49 -9.23 -19.88
N ASN E 43 5.95 -8.02 -19.72
CA ASN E 43 5.60 -7.56 -18.38
C ASN E 43 4.43 -8.33 -17.83
N LEU E 44 3.54 -8.83 -18.70
CA LEU E 44 2.44 -9.66 -18.25
C LEU E 44 2.95 -11.02 -17.77
N VAL E 45 3.85 -11.64 -18.52
CA VAL E 45 4.39 -12.93 -18.09
C VAL E 45 5.07 -12.78 -16.74
N ALA E 46 5.76 -11.65 -16.52
CA ALA E 46 6.45 -11.45 -15.27
C ALA E 46 5.47 -11.24 -14.13
N TYR E 47 4.36 -10.55 -14.39
CA TYR E 47 3.35 -10.37 -13.35
C TYR E 47 2.62 -11.69 -13.09
N ALA E 48 2.41 -12.49 -14.14
CA ALA E 48 1.75 -13.79 -13.96
C ALA E 48 2.59 -14.72 -13.09
N LYS E 49 3.91 -14.67 -13.23
CA LYS E 49 4.77 -15.52 -12.41
C LYS E 49 4.68 -15.13 -10.94
N LYS E 50 4.61 -13.82 -10.66
CA LYS E 50 4.51 -13.36 -9.29
C LYS E 50 3.15 -13.75 -8.69
N VAL E 51 2.08 -13.67 -9.47
CA VAL E 51 0.77 -14.14 -8.99
C VAL E 51 0.83 -15.63 -8.69
N GLU E 52 1.37 -16.42 -9.61
CA GLU E 52 1.50 -17.86 -9.37
C GLU E 52 2.39 -18.12 -8.17
N GLY E 53 3.50 -17.38 -8.06
CA GLY E 53 4.38 -17.56 -6.93
C GLY E 53 3.69 -17.29 -5.61
N ASP E 54 2.92 -16.20 -5.54
CA ASP E 54 2.26 -15.85 -4.29
C ASP E 54 1.20 -16.89 -3.91
N MET E 55 0.41 -17.34 -4.89
CA MET E 55 -0.62 -18.33 -4.59
C MET E 55 -0.01 -19.69 -4.33
N TYR E 56 1.18 -19.95 -4.88
CA TYR E 56 1.83 -21.23 -4.62
C TYR E 56 2.24 -21.36 -3.16
N GLU E 57 2.55 -20.23 -2.50
CA GLU E 57 2.90 -20.25 -1.09
C GLU E 57 1.72 -19.98 -0.17
N SER E 58 0.73 -19.22 -0.63
CA SER E 58 -0.43 -18.92 0.21
C SER E 58 -1.32 -20.15 0.35
N ALA E 59 -1.61 -20.82 -0.77
CA ALA E 59 -2.43 -22.02 -0.70
C ALA E 59 -1.74 -23.07 0.17
N ASN E 60 -2.55 -23.97 0.70
CA ASN E 60 -2.08 -25.01 1.58
C ASN E 60 -2.46 -26.40 1.07
N SER E 61 -3.13 -26.48 -0.08
CA SER E 61 -3.40 -27.74 -0.75
C SER E 61 -3.46 -27.45 -2.25
N ARG E 62 -3.52 -28.50 -3.06
CA ARG E 62 -3.60 -28.29 -4.50
C ARG E 62 -4.96 -27.74 -4.91
N ASP E 63 -6.04 -28.08 -4.18
CA ASP E 63 -7.34 -27.50 -4.51
C ASP E 63 -7.40 -26.03 -4.15
N GLU E 64 -6.77 -25.62 -3.04
CA GLU E 64 -6.68 -24.19 -2.73
C GLU E 64 -5.85 -23.47 -3.78
N TYR E 65 -4.75 -24.08 -4.20
CA TYR E 65 -3.90 -23.52 -5.23
C TYR E 65 -4.72 -23.13 -6.45
N TYR E 66 -5.43 -24.10 -7.04
CA TYR E 66 -6.23 -23.80 -8.22
C TYR E 66 -7.35 -22.81 -7.92
N HIS E 67 -7.93 -22.87 -6.72
CA HIS E 67 -9.02 -21.97 -6.38
C HIS E 67 -8.54 -20.53 -6.31
N LEU E 68 -7.46 -20.28 -5.54
CA LEU E 68 -6.96 -18.91 -5.40
C LEU E 68 -6.49 -18.37 -6.75
N LEU E 69 -5.79 -19.19 -7.54
CA LEU E 69 -5.37 -18.73 -8.86
C LEU E 69 -6.57 -18.33 -9.70
N ALA E 70 -7.63 -19.15 -9.69
CA ALA E 70 -8.80 -18.83 -10.52
C ALA E 70 -9.47 -17.55 -10.06
N GLU E 71 -9.53 -17.32 -8.76
CA GLU E 71 -10.11 -16.08 -8.26
C GLU E 71 -9.21 -14.88 -8.56
N LYS E 72 -7.88 -15.08 -8.57
CA LYS E 72 -6.99 -13.98 -8.90
C LYS E 72 -7.08 -13.64 -10.38
N ILE E 73 -7.20 -14.66 -11.24
CA ILE E 73 -7.38 -14.40 -12.67
C ILE E 73 -8.70 -13.68 -12.90
N TYR E 74 -9.77 -14.13 -12.25
CA TYR E 74 -11.06 -13.47 -12.40
C TYR E 74 -10.96 -11.99 -12.07
N LYS E 75 -10.33 -11.66 -10.94
CA LYS E 75 -10.22 -10.26 -10.54
C LYS E 75 -9.38 -9.46 -11.53
N ILE E 76 -8.36 -10.09 -12.13
CA ILE E 76 -7.54 -9.36 -13.10
C ILE E 76 -8.33 -9.15 -14.39
N GLN E 77 -9.10 -10.16 -14.82
CA GLN E 77 -9.94 -10.00 -16.00
C GLN E 77 -10.95 -8.88 -15.80
N LYS E 78 -11.62 -8.86 -14.64
CA LYS E 78 -12.60 -7.80 -14.39
C LYS E 78 -11.93 -6.43 -14.41
N GLU E 79 -10.73 -6.32 -13.85
CA GLU E 79 -10.03 -5.04 -13.86
C GLU E 79 -9.67 -4.63 -15.28
N LEU E 80 -9.13 -5.55 -16.07
CA LEU E 80 -8.85 -5.24 -17.47
C LEU E 80 -10.13 -4.83 -18.18
N GLU E 81 -11.25 -5.51 -17.88
CA GLU E 81 -12.50 -5.24 -18.59
C GLU E 81 -13.09 -3.91 -18.16
N GLU E 82 -12.85 -3.48 -16.92
CA GLU E 82 -13.36 -2.18 -16.49
C GLU E 82 -12.56 -1.05 -17.11
N LYS E 83 -11.24 -1.22 -17.22
CA LYS E 83 -10.42 -0.19 -17.85
C LYS E 83 -10.70 -0.11 -19.34
N ARG E 84 -10.97 -1.26 -19.97
CA ARG E 84 -11.29 -1.25 -21.40
C ARG E 84 -12.60 -0.51 -21.66
N ARG E 85 -13.56 -0.59 -20.73
CA ARG E 85 -14.83 0.11 -20.90
C ARG E 85 -14.65 1.61 -20.67
N SER E 86 -13.98 1.99 -19.59
CA SER E 86 -13.80 3.40 -19.27
C SER E 86 -13.05 4.16 -20.35
N ARG E 87 -12.48 3.47 -21.33
CA ARG E 87 -11.84 4.11 -22.47
C ARG E 87 -12.78 4.26 -23.66
N LEU E 88 -13.96 3.64 -23.64
CA LEU E 88 -14.92 3.79 -24.73
C LEU E 88 -15.65 5.13 -24.61
#